data_6XZ4
#
_entry.id   6XZ4
#
_cell.length_a   69.170
_cell.length_b   58.043
_cell.length_c   84.324
_cell.angle_alpha   90.000
_cell.angle_beta   106.100
_cell.angle_gamma   90.000
#
_symmetry.space_group_name_H-M   'P 1 21 1'
#
loop_
_entity.id
_entity.type
_entity.pdbx_description
1 polymer 'Talin rod domain-containing protein 1'
2 water water
#
_entity_poly.entity_id   1
_entity_poly.type   'polypeptide(L)'
_entity_poly.pdbx_seq_one_letter_code
;GIDPFTMASGSAGKPTGEAASPAPASAIGGASSQPRKRLVSVCDHCKGKMQLVADLLLLSSEARPVLFEGPASSGAGAES
FEQCRDTIIARTKGLSILTHDVQSQLNMGRFGEAGDSLVELGDLVVSLTECSAHAAYLAAVATPGAQPAQPGLVDRYRVT
RCRHEVEQGCAVLRATPLADMTPQLLLEVSQGLSRNLKFLTDACALASDKSRDRFSREQFKLGVKCMSTSASALLACVRE
VKVAPSELARSRCALFSGPLVQAVSALVGFATEPQFLGRAAAVSAEGKAVQTAILGGAMSVVSACVLLTQCLRDLAQHPD
GGAKMSDHRERLRNSACAVSEGCTLLSQALRERSSPRTLPPVNSNSVN
;
_entity_poly.pdbx_strand_id   A,B
#
# COMPACT_ATOMS: atom_id res chain seq x y z
N CYS A 46 3.43 27.52 -22.16
CA CYS A 46 2.96 28.38 -21.09
C CYS A 46 1.44 28.54 -21.14
N LYS A 47 0.87 28.33 -22.32
CA LYS A 47 -0.58 28.23 -22.45
C LYS A 47 -1.06 26.87 -21.97
N GLY A 48 -0.16 25.89 -21.97
CA GLY A 48 -0.41 24.57 -21.41
C GLY A 48 -0.79 24.67 -19.95
N LYS A 49 -0.16 25.65 -19.29
CA LYS A 49 -0.40 25.90 -17.88
C LYS A 49 -1.85 26.28 -17.64
N MET A 50 -2.58 26.56 -18.72
CA MET A 50 -3.99 26.94 -18.61
C MET A 50 -4.89 25.71 -18.80
N GLN A 51 -4.51 24.82 -19.72
CA GLN A 51 -5.21 23.54 -19.87
C GLN A 51 -5.14 22.81 -18.54
N LEU A 52 -3.97 22.84 -17.91
CA LEU A 52 -3.77 22.22 -16.59
C LEU A 52 -4.88 22.64 -15.61
N VAL A 53 -5.03 23.95 -15.44
CA VAL A 53 -5.97 24.52 -14.49
C VAL A 53 -7.39 24.20 -14.92
N ALA A 54 -7.69 24.41 -16.20
CA ALA A 54 -9.01 24.10 -16.74
C ALA A 54 -9.22 22.60 -16.83
N ASP A 55 -8.95 21.91 -15.72
CA ASP A 55 -8.98 20.46 -15.65
C ASP A 55 -8.89 20.05 -14.19
N LEU A 56 -7.81 20.47 -13.52
CA LEU A 56 -7.72 20.22 -12.09
C LEU A 56 -8.84 21.00 -11.39
N LEU A 57 -9.20 22.14 -11.96
CA LEU A 57 -10.32 22.93 -11.45
C LEU A 57 -11.63 22.19 -11.66
N LEU A 58 -11.82 21.73 -12.89
CA LEU A 58 -13.02 20.98 -13.25
C LEU A 58 -13.23 19.81 -12.31
N LEU A 59 -12.18 19.02 -12.09
CA LEU A 59 -12.29 17.88 -11.19
C LEU A 59 -12.49 18.35 -9.76
N SER A 60 -11.82 19.43 -9.37
CA SER A 60 -11.99 19.97 -8.02
C SER A 60 -13.45 20.37 -7.77
N SER A 61 -14.10 20.92 -8.79
CA SER A 61 -15.49 21.35 -8.64
C SER A 61 -16.49 20.25 -8.97
N GLU A 62 -16.07 19.20 -9.68
CA GLU A 62 -16.94 18.05 -9.93
C GLU A 62 -16.90 17.05 -8.78
N ALA A 63 -15.81 17.03 -8.04
CA ALA A 63 -15.70 16.17 -6.87
C ALA A 63 -16.66 16.61 -5.78
N ARG A 64 -16.90 17.91 -5.71
CA ARG A 64 -17.69 18.47 -4.61
C ARG A 64 -19.16 18.06 -4.65
N PRO A 65 -19.72 17.84 -5.85
CA PRO A 65 -20.97 17.07 -5.95
C PRO A 65 -20.88 15.66 -5.36
N VAL A 66 -20.44 15.59 -4.11
CA VAL A 66 -20.62 14.43 -3.25
C VAL A 66 -21.54 14.90 -2.12
N LEU A 67 -21.82 16.19 -2.12
CA LEU A 67 -22.75 16.82 -1.21
C LEU A 67 -24.12 17.04 -1.86
N PHE A 68 -24.17 16.86 -3.18
CA PHE A 68 -25.40 17.12 -3.95
C PHE A 68 -26.26 15.88 -4.14
N GLU A 69 -25.69 14.70 -3.87
CA GLU A 69 -26.45 13.46 -3.87
C GLU A 69 -26.23 12.70 -2.57
N GLY A 70 -27.32 12.26 -1.96
CA GLY A 70 -27.25 11.50 -0.72
C GLY A 70 -28.25 12.01 0.31
N PRO A 71 -27.96 11.77 1.61
CA PRO A 71 -28.87 12.17 2.68
C PRO A 71 -28.61 13.60 3.18
N ALA A 72 -29.19 13.95 4.33
CA ALA A 72 -29.14 15.31 4.84
C ALA A 72 -28.25 15.43 6.08
N SER A 73 -27.11 16.09 5.92
CA SER A 73 -26.21 16.38 7.03
C SER A 73 -25.68 17.80 6.96
N SER A 74 -25.34 18.36 8.11
CA SER A 74 -24.67 19.65 8.17
C SER A 74 -23.34 19.60 7.41
N GLY A 75 -23.23 20.42 6.38
CA GLY A 75 -22.05 20.43 5.53
C GLY A 75 -21.03 21.48 5.94
N ALA A 76 -21.12 21.93 7.19
CA ALA A 76 -20.24 22.98 7.69
C ALA A 76 -20.12 22.94 9.21
N GLY A 77 -19.37 23.89 9.76
CA GLY A 77 -19.11 23.94 11.19
C GLY A 77 -19.57 25.23 11.84
N ALA A 78 -20.80 25.22 12.35
CA ALA A 78 -21.34 26.30 13.19
C ALA A 78 -21.58 27.60 12.43
N GLU A 79 -22.58 27.59 11.57
CA GLU A 79 -23.11 28.82 10.97
C GLU A 79 -24.62 28.70 10.81
N SER A 80 -25.30 29.83 10.72
CA SER A 80 -26.75 29.86 10.57
C SER A 80 -27.15 30.08 9.12
N PHE A 81 -28.42 29.80 8.82
CA PHE A 81 -28.94 29.83 7.46
C PHE A 81 -28.83 31.19 6.76
N GLU A 82 -29.15 32.25 7.48
CA GLU A 82 -29.19 33.60 6.91
C GLU A 82 -27.79 34.03 6.49
N GLN A 83 -26.85 33.88 7.43
CA GLN A 83 -25.44 34.16 7.18
C GLN A 83 -24.91 33.34 6.01
N CYS A 84 -25.30 32.07 5.98
CA CYS A 84 -24.90 31.16 4.92
C CYS A 84 -25.38 31.66 3.56
N ARG A 85 -26.66 32.04 3.49
CA ARG A 85 -27.22 32.58 2.26
C ARG A 85 -26.48 33.86 1.86
N ASP A 86 -26.20 34.72 2.83
CA ASP A 86 -25.40 35.92 2.55
C ASP A 86 -24.07 35.52 1.90
N THR A 87 -23.40 34.54 2.51
CA THR A 87 -22.17 34.00 1.94
C THR A 87 -22.36 33.59 0.48
N ILE A 88 -23.45 32.87 0.21
CA ILE A 88 -23.74 32.44 -1.14
C ILE A 88 -23.89 33.65 -2.09
N ILE A 89 -24.64 34.66 -1.66
CA ILE A 89 -24.75 35.90 -2.42
C ILE A 89 -23.37 36.46 -2.78
N ALA A 90 -22.52 36.58 -1.76
CA ALA A 90 -21.16 37.06 -1.95
C ALA A 90 -20.44 36.23 -3.02
N ARG A 91 -20.51 34.91 -2.89
CA ARG A 91 -19.91 34.01 -3.87
C ARG A 91 -20.42 34.28 -5.28
N THR A 92 -21.74 34.42 -5.44
CA THR A 92 -22.31 34.66 -6.77
C THR A 92 -21.83 35.98 -7.37
N LYS A 93 -21.73 37.02 -6.54
CA LYS A 93 -21.10 38.27 -6.98
C LYS A 93 -19.69 38.00 -7.50
N GLY A 94 -18.87 37.40 -6.63
CA GLY A 94 -17.52 37.00 -7.00
C GLY A 94 -17.52 36.21 -8.30
N LEU A 95 -18.55 35.38 -8.48
CA LEU A 95 -18.66 34.53 -9.66
C LEU A 95 -18.88 35.37 -10.91
N SER A 96 -19.81 36.33 -10.86
CA SER A 96 -19.99 37.26 -11.97
C SER A 96 -18.68 37.93 -12.34
N ILE A 97 -18.04 38.50 -11.32
CA ILE A 97 -16.74 39.16 -11.53
C ILE A 97 -15.75 38.23 -12.22
N LEU A 98 -15.51 37.06 -11.64
CA LEU A 98 -14.49 36.14 -12.15
C LEU A 98 -14.83 35.63 -13.55
N THR A 99 -16.13 35.43 -13.80
CA THR A 99 -16.58 35.05 -15.12
C THR A 99 -16.10 36.09 -16.13
N HIS A 100 -16.49 37.35 -15.89
CA HIS A 100 -16.05 38.42 -16.78
C HIS A 100 -14.52 38.44 -16.91
N ASP A 101 -13.84 38.51 -15.76
CA ASP A 101 -12.37 38.59 -15.73
C ASP A 101 -11.71 37.51 -16.58
N VAL A 102 -12.06 36.25 -16.32
CA VAL A 102 -11.43 35.15 -17.04
C VAL A 102 -11.76 35.25 -18.53
N GLN A 103 -13.01 35.58 -18.85
CA GLN A 103 -13.40 35.81 -20.24
C GLN A 103 -12.48 36.81 -20.94
N SER A 104 -12.46 38.04 -20.42
CA SER A 104 -11.71 39.11 -21.06
C SER A 104 -10.21 38.79 -21.07
N GLN A 105 -9.73 38.20 -19.98
CA GLN A 105 -8.32 37.84 -19.87
C GLN A 105 -7.93 36.81 -20.92
N LEU A 106 -8.81 35.85 -21.19
CA LEU A 106 -8.58 34.93 -22.30
C LEU A 106 -8.60 35.69 -23.61
N ASN A 107 -9.66 36.45 -23.84
CA ASN A 107 -9.83 37.16 -25.11
C ASN A 107 -8.80 38.27 -25.31
N MET A 108 -8.10 38.64 -24.24
CA MET A 108 -6.96 39.54 -24.34
C MET A 108 -5.71 38.80 -24.79
N GLY A 109 -5.63 37.52 -24.42
CA GLY A 109 -4.45 36.71 -24.68
C GLY A 109 -3.60 36.59 -23.44
N ARG A 110 -4.11 37.09 -22.32
CA ARG A 110 -3.42 37.02 -21.03
C ARG A 110 -3.74 35.69 -20.33
N PHE A 111 -3.06 34.64 -20.74
CA PHE A 111 -3.39 33.29 -20.30
C PHE A 111 -3.00 33.04 -18.85
N GLY A 112 -1.83 33.54 -18.45
CA GLY A 112 -1.35 33.38 -17.09
C GLY A 112 -2.31 33.95 -16.06
N GLU A 113 -2.96 35.05 -16.42
CA GLU A 113 -3.97 35.66 -15.55
C GLU A 113 -5.26 34.85 -15.56
N ALA A 114 -5.67 34.44 -16.76
CA ALA A 114 -6.85 33.60 -16.93
C ALA A 114 -6.78 32.35 -16.06
N GLY A 115 -5.61 31.72 -16.04
CA GLY A 115 -5.38 30.54 -15.21
C GLY A 115 -5.70 30.78 -13.75
N ASP A 116 -5.08 31.80 -13.16
CA ASP A 116 -5.29 32.13 -11.76
C ASP A 116 -6.75 32.51 -11.51
N SER A 117 -7.33 33.25 -12.46
CA SER A 117 -8.75 33.60 -12.38
C SER A 117 -9.59 32.32 -12.29
N LEU A 118 -9.27 31.34 -13.13
CA LEU A 118 -9.92 30.05 -13.06
C LEU A 118 -9.74 29.44 -11.67
N VAL A 119 -8.49 29.27 -11.23
CA VAL A 119 -8.21 28.75 -9.89
C VAL A 119 -9.16 29.36 -8.85
N GLU A 120 -9.20 30.69 -8.83
CA GLU A 120 -10.07 31.41 -7.91
C GLU A 120 -11.54 31.04 -8.14
N LEU A 121 -11.94 30.94 -9.40
CA LEU A 121 -13.31 30.54 -9.72
C LEU A 121 -13.62 29.17 -9.16
N GLY A 122 -12.71 28.22 -9.32
CA GLY A 122 -12.88 26.88 -8.80
C GLY A 122 -13.06 26.89 -7.30
N ASP A 123 -12.14 27.54 -6.60
CA ASP A 123 -12.23 27.66 -5.15
C ASP A 123 -13.56 28.29 -4.74
N LEU A 124 -13.96 29.32 -5.47
CA LEU A 124 -15.21 30.03 -5.20
C LEU A 124 -16.43 29.11 -5.38
N VAL A 125 -16.43 28.34 -6.47
CA VAL A 125 -17.52 27.41 -6.74
C VAL A 125 -17.58 26.34 -5.66
N VAL A 126 -16.40 25.87 -5.24
CA VAL A 126 -16.29 24.94 -4.12
C VAL A 126 -16.96 25.49 -2.87
N SER A 127 -16.54 26.69 -2.46
CA SER A 127 -17.12 27.35 -1.31
C SER A 127 -18.64 27.46 -1.46
N LEU A 128 -19.08 27.94 -2.61
CA LEU A 128 -20.51 28.10 -2.88
C LEU A 128 -21.25 26.77 -2.76
N THR A 129 -20.63 25.70 -3.25
CA THR A 129 -21.23 24.36 -3.16
C THR A 129 -21.40 23.93 -1.71
N GLU A 130 -20.33 24.06 -0.93
CA GLU A 130 -20.37 23.69 0.48
C GLU A 130 -21.46 24.48 1.22
N CYS A 131 -21.47 25.79 0.99
CA CYS A 131 -22.45 26.65 1.64
C CYS A 131 -23.87 26.29 1.22
N SER A 132 -24.07 26.04 -0.07
CA SER A 132 -25.37 25.59 -0.57
C SER A 132 -25.82 24.33 0.16
N ALA A 133 -24.95 23.33 0.24
CA ALA A 133 -25.28 22.10 0.94
C ALA A 133 -25.68 22.38 2.39
N HIS A 134 -24.85 23.15 3.08
CA HIS A 134 -25.15 23.50 4.47
C HIS A 134 -26.51 24.20 4.62
N ALA A 135 -26.76 25.19 3.78
CA ALA A 135 -28.02 25.94 3.82
C ALA A 135 -29.20 25.00 3.56
N ALA A 136 -29.02 24.07 2.62
CA ALA A 136 -30.03 23.07 2.36
C ALA A 136 -30.32 22.25 3.61
N TYR A 137 -29.27 21.79 4.27
CA TYR A 137 -29.44 21.05 5.53
C TYR A 137 -30.19 21.87 6.59
N LEU A 138 -29.70 23.09 6.85
CA LEU A 138 -30.30 23.95 7.86
C LEU A 138 -31.78 24.21 7.55
N ALA A 139 -32.06 24.50 6.28
CA ALA A 139 -33.44 24.70 5.85
C ALA A 139 -34.26 23.42 6.07
N ALA A 140 -33.67 22.28 5.75
CA ALA A 140 -34.33 20.99 5.95
C ALA A 140 -34.71 20.76 7.41
N VAL A 141 -33.74 20.93 8.32
CA VAL A 141 -34.01 20.65 9.74
C VAL A 141 -34.85 21.73 10.42
N ALA A 142 -34.88 22.92 9.84
CA ALA A 142 -35.73 23.98 10.37
C ALA A 142 -37.22 23.63 10.22
N THR A 143 -37.50 22.64 9.39
CA THR A 143 -38.86 22.18 9.12
C THR A 143 -39.48 21.60 10.40
N PRO A 144 -40.81 21.80 10.61
CA PRO A 144 -41.57 21.32 11.77
C PRO A 144 -41.06 20.06 12.50
N GLY A 145 -41.30 18.87 11.93
CA GLY A 145 -41.07 17.63 12.66
C GLY A 145 -39.68 17.06 12.54
N ALA A 146 -38.73 17.88 12.13
CA ALA A 146 -37.37 17.41 11.87
C ALA A 146 -36.63 17.01 13.15
N GLN A 147 -35.81 15.97 13.03
CA GLN A 147 -34.80 15.66 14.03
C GLN A 147 -33.42 15.95 13.42
N PRO A 148 -32.54 16.61 14.18
CA PRO A 148 -31.25 16.99 13.60
C PRO A 148 -30.35 15.79 13.35
N ALA A 149 -29.36 15.97 12.48
CA ALA A 149 -28.38 14.94 12.21
C ALA A 149 -27.51 14.74 13.46
N GLN A 150 -26.78 13.64 13.51
CA GLN A 150 -25.86 13.35 14.61
C GLN A 150 -24.46 13.10 14.05
N PRO A 151 -23.45 13.80 14.61
CA PRO A 151 -22.10 13.72 14.04
C PRO A 151 -21.44 12.36 14.21
N GLY A 152 -20.72 11.91 13.19
CA GLY A 152 -19.85 10.75 13.31
C GLY A 152 -18.61 11.15 14.08
N LEU A 153 -17.72 10.20 14.32
CA LEU A 153 -16.48 10.50 15.02
C LEU A 153 -15.64 11.47 14.20
N VAL A 154 -15.80 11.39 12.88
CA VAL A 154 -15.12 12.31 11.97
C VAL A 154 -16.09 12.82 10.90
N ASP A 155 -15.75 13.97 10.31
CA ASP A 155 -16.51 14.50 9.19
C ASP A 155 -16.14 13.71 7.93
N ARG A 156 -17.08 12.90 7.46
CA ARG A 156 -16.82 12.00 6.34
C ARG A 156 -16.36 12.74 5.08
N TYR A 157 -17.08 13.80 4.75
CA TYR A 157 -16.82 14.60 3.56
C TYR A 157 -15.38 15.11 3.53
N ARG A 158 -14.96 15.72 4.63
CA ARG A 158 -13.63 16.31 4.73
C ARG A 158 -12.51 15.27 4.63
N VAL A 159 -12.62 14.19 5.39
CA VAL A 159 -11.58 13.15 5.39
C VAL A 159 -11.55 12.48 4.03
N THR A 160 -12.71 12.32 3.40
CA THR A 160 -12.77 11.80 2.05
C THR A 160 -11.96 12.72 1.13
N ARG A 161 -12.24 14.01 1.19
CA ARG A 161 -11.48 15.00 0.43
C ARG A 161 -9.98 14.89 0.70
N CYS A 162 -9.61 14.75 1.97
CA CYS A 162 -8.20 14.64 2.35
C CYS A 162 -7.54 13.40 1.73
N ARG A 163 -8.21 12.25 1.81
CA ARG A 163 -7.69 11.05 1.17
C ARG A 163 -7.48 11.33 -0.31
N HIS A 164 -8.49 11.89 -0.96
CA HIS A 164 -8.39 12.22 -2.37
C HIS A 164 -7.19 13.12 -2.66
N GLU A 165 -6.96 14.12 -1.83
CA GLU A 165 -5.86 15.09 -2.01
C GLU A 165 -4.52 14.41 -1.77
N VAL A 166 -4.41 13.53 -0.77
CA VAL A 166 -3.17 12.83 -0.51
C VAL A 166 -2.82 11.96 -1.72
N GLU A 167 -3.81 11.21 -2.20
CA GLU A 167 -3.62 10.39 -3.38
C GLU A 167 -3.21 11.24 -4.58
N GLN A 168 -3.88 12.37 -4.77
CA GLN A 168 -3.50 13.31 -5.82
C GLN A 168 -2.03 13.75 -5.72
N GLY A 169 -1.63 14.17 -4.52
CA GLY A 169 -0.26 14.62 -4.30
C GLY A 169 0.76 13.54 -4.65
N CYS A 170 0.54 12.33 -4.13
CA CYS A 170 1.45 11.24 -4.40
C CYS A 170 1.45 10.91 -5.89
N ALA A 171 0.27 10.97 -6.52
CA ALA A 171 0.18 10.80 -7.96
C ALA A 171 1.04 11.83 -8.68
N VAL A 172 0.98 13.08 -8.23
CA VAL A 172 1.82 14.13 -8.80
C VAL A 172 3.29 13.77 -8.64
N LEU A 173 3.67 13.29 -7.47
CA LEU A 173 5.06 12.86 -7.27
C LEU A 173 5.44 11.71 -8.20
N ARG A 174 4.50 10.80 -8.47
CA ARG A 174 4.78 9.69 -9.38
C ARG A 174 4.87 10.10 -10.85
N ALA A 175 3.91 10.89 -11.33
CA ALA A 175 3.76 11.12 -12.76
C ALA A 175 4.61 12.27 -13.31
N THR A 176 5.26 13.02 -12.43
CA THR A 176 6.12 14.12 -12.85
C THR A 176 7.49 13.61 -13.30
N PRO A 177 7.96 14.05 -14.49
CA PRO A 177 9.33 13.69 -14.88
C PRO A 177 10.36 14.49 -14.09
N LEU A 178 11.60 14.04 -14.06
CA LEU A 178 12.64 14.63 -13.22
C LEU A 178 12.88 16.14 -13.37
N ALA A 179 13.39 16.57 -14.52
CA ALA A 179 13.70 17.99 -14.73
C ALA A 179 12.50 18.89 -14.44
N ASP A 180 11.30 18.33 -14.61
CA ASP A 180 10.07 19.03 -14.25
C ASP A 180 9.80 19.08 -12.74
N MET A 181 10.49 18.24 -11.96
CA MET A 181 10.38 18.29 -10.51
C MET A 181 11.18 19.46 -9.92
N THR A 182 10.63 20.66 -10.01
CA THR A 182 11.32 21.85 -9.54
C THR A 182 11.19 21.99 -8.03
N PRO A 183 12.12 22.71 -7.39
CA PRO A 183 12.08 22.91 -5.94
C PRO A 183 10.80 23.59 -5.44
N GLN A 184 10.02 24.17 -6.35
CA GLN A 184 8.79 24.86 -5.98
C GLN A 184 7.61 23.89 -6.03
N LEU A 185 7.63 23.01 -7.02
CA LEU A 185 6.59 22.01 -7.19
C LEU A 185 6.60 21.02 -6.04
N LEU A 186 7.81 20.59 -5.68
CA LEU A 186 7.99 19.63 -4.60
C LEU A 186 7.56 20.26 -3.27
N LEU A 187 7.84 21.54 -3.11
CA LEU A 187 7.45 22.26 -1.90
C LEU A 187 5.93 22.37 -1.83
N GLU A 188 5.32 22.67 -2.96
CA GLU A 188 3.86 22.77 -3.02
C GLU A 188 3.22 21.42 -2.65
N VAL A 189 3.66 20.35 -3.32
CA VAL A 189 3.17 19.00 -3.01
C VAL A 189 3.37 18.69 -1.52
N SER A 190 4.57 18.93 -1.01
CA SER A 190 4.96 18.63 0.38
C SER A 190 4.11 19.47 1.33
N GLN A 191 3.75 20.69 0.94
CA GLN A 191 2.94 21.57 1.79
C GLN A 191 1.50 21.07 1.77
N GLY A 192 1.02 20.61 0.63
CA GLY A 192 -0.35 20.09 0.46
C GLY A 192 -0.51 18.84 1.29
N LEU A 193 0.48 17.97 1.25
CA LEU A 193 0.47 16.72 2.04
C LEU A 193 0.50 17.13 3.51
N SER A 194 1.28 18.12 3.87
CA SER A 194 1.39 18.61 5.26
C SER A 194 0.04 19.12 5.78
N ARG A 195 -0.81 19.76 4.97
N ARG A 195 -0.81 19.76 4.96
CA ARG A 195 -2.08 20.28 5.55
CA ARG A 195 -2.10 20.28 5.50
C ARG A 195 -3.04 19.12 5.85
C ARG A 195 -3.02 19.11 5.86
N ASN A 196 -3.16 18.27 4.83
CA ASN A 196 -4.05 17.10 4.70
C ASN A 196 -3.79 16.19 5.87
N LEU A 197 -2.51 15.99 6.17
CA LEU A 197 -2.08 15.13 7.28
C LEU A 197 -2.39 15.85 8.58
N LYS A 198 -2.21 17.16 8.64
CA LYS A 198 -2.52 17.96 9.83
C LYS A 198 -4.00 17.82 10.16
N PHE A 199 -4.87 17.91 9.15
CA PHE A 199 -6.34 17.82 9.32
C PHE A 199 -6.70 16.41 9.77
N LEU A 200 -6.21 15.39 9.08
CA LEU A 200 -6.49 13.98 9.42
C LEU A 200 -6.06 13.71 10.85
N THR A 201 -4.88 14.20 11.23
CA THR A 201 -4.36 13.98 12.57
C THR A 201 -5.30 14.56 13.61
N ASP A 202 -5.69 15.83 13.42
CA ASP A 202 -6.61 16.47 14.36
C ASP A 202 -7.95 15.72 14.44
N ALA A 203 -8.50 15.39 13.28
CA ALA A 203 -9.77 14.68 13.20
C ALA A 203 -9.71 13.36 13.97
N CYS A 204 -8.65 12.58 13.73
CA CYS A 204 -8.53 11.28 14.38
C CYS A 204 -8.22 11.41 15.87
N ALA A 205 -7.52 12.48 16.26
CA ALA A 205 -7.37 12.79 17.68
C ALA A 205 -8.74 12.98 18.32
N LEU A 206 -9.56 13.85 17.73
CA LEU A 206 -10.92 14.05 18.21
C LEU A 206 -11.72 12.74 18.24
N ALA A 207 -11.63 11.97 17.16
CA ALA A 207 -12.32 10.69 17.08
C ALA A 207 -11.88 9.74 18.19
N SER A 208 -10.58 9.72 18.47
CA SER A 208 -10.05 8.92 19.55
C SER A 208 -10.65 9.35 20.88
N ASP A 209 -10.65 10.66 21.12
CA ASP A 209 -11.25 11.21 22.33
C ASP A 209 -12.73 10.83 22.47
N LYS A 210 -13.50 11.01 21.40
CA LYS A 210 -14.94 10.77 21.46
C LYS A 210 -15.30 9.28 21.58
N SER A 211 -14.35 8.41 21.26
CA SER A 211 -14.62 6.98 21.31
C SER A 211 -14.73 6.50 22.75
N ARG A 212 -15.70 5.63 23.02
CA ARG A 212 -15.91 5.05 24.35
C ARG A 212 -15.56 3.57 24.37
N ASP A 213 -14.94 3.12 23.28
CA ASP A 213 -14.45 1.74 23.17
C ASP A 213 -12.92 1.75 23.18
N ARG A 214 -12.34 0.78 23.89
CA ARG A 214 -10.89 0.69 24.05
C ARG A 214 -10.15 0.44 22.73
N PHE A 215 -10.57 -0.57 22.00
CA PHE A 215 -9.94 -0.92 20.74
C PHE A 215 -9.94 0.23 19.75
N SER A 216 -11.08 0.88 19.56
CA SER A 216 -11.21 1.99 18.62
C SER A 216 -10.33 3.15 19.06
N ARG A 217 -10.42 3.46 20.35
CA ARG A 217 -9.63 4.52 20.96
C ARG A 217 -8.15 4.35 20.68
N GLU A 218 -7.65 3.13 20.76
CA GLU A 218 -6.22 2.86 20.54
C GLU A 218 -5.96 2.73 19.04
N GLN A 219 -6.89 2.21 18.29
CA GLN A 219 -6.69 1.98 16.87
C GLN A 219 -6.50 3.29 16.12
N PHE A 220 -7.31 4.29 16.48
CA PHE A 220 -7.13 5.62 15.90
C PHE A 220 -5.70 6.12 16.09
N LYS A 221 -5.20 5.99 17.31
CA LYS A 221 -3.85 6.44 17.64
C LYS A 221 -2.78 5.68 16.83
N LEU A 222 -2.89 4.35 16.80
CA LEU A 222 -1.94 3.56 16.02
C LEU A 222 -1.95 3.97 14.56
N GLY A 223 -3.16 4.11 14.00
CA GLY A 223 -3.31 4.54 12.62
C GLY A 223 -2.67 5.90 12.39
N VAL A 224 -2.86 6.83 13.33
CA VAL A 224 -2.25 8.14 13.23
C VAL A 224 -0.72 8.04 13.24
N LYS A 225 -0.16 7.27 14.16
CA LYS A 225 1.30 7.06 14.19
C LYS A 225 1.80 6.54 12.85
N CYS A 226 1.13 5.51 12.33
CA CYS A 226 1.48 4.94 11.04
C CYS A 226 1.49 6.03 9.95
N MET A 227 0.39 6.78 9.88
CA MET A 227 0.27 7.88 8.92
C MET A 227 1.44 8.86 9.02
N SER A 228 1.73 9.31 10.23
CA SER A 228 2.78 10.31 10.44
C SER A 228 4.16 9.78 10.06
N THR A 229 4.51 8.57 10.49
CA THR A 229 5.80 7.99 10.13
C THR A 229 5.93 7.83 8.62
N SER A 230 4.88 7.33 7.98
CA SER A 230 4.86 7.22 6.52
C SER A 230 5.14 8.58 5.88
N ALA A 231 4.39 9.58 6.32
CA ALA A 231 4.56 10.95 5.82
C ALA A 231 6.00 11.42 5.95
N SER A 232 6.59 11.27 7.15
CA SER A 232 7.97 11.68 7.37
C SER A 232 8.91 10.99 6.37
N ALA A 233 8.78 9.66 6.29
CA ALA A 233 9.59 8.87 5.38
C ALA A 233 9.51 9.43 3.96
N LEU A 234 8.30 9.69 3.47
CA LEU A 234 8.15 10.23 2.12
C LEU A 234 8.75 11.64 1.97
N LEU A 235 8.44 12.52 2.92
CA LEU A 235 8.88 13.90 2.81
C LEU A 235 10.41 14.01 2.82
N ALA A 236 11.07 13.12 3.55
CA ALA A 236 12.53 13.03 3.47
C ALA A 236 12.99 12.82 2.02
N CYS A 237 12.32 11.91 1.32
CA CYS A 237 12.65 11.62 -0.07
C CYS A 237 12.36 12.81 -0.96
N VAL A 238 11.23 13.47 -0.70
CA VAL A 238 10.88 14.67 -1.46
C VAL A 238 11.95 15.76 -1.27
N ARG A 239 12.45 15.91 -0.05
CA ARG A 239 13.52 16.87 0.18
C ARG A 239 14.82 16.45 -0.52
N GLU A 240 15.12 15.15 -0.46
CA GLU A 240 16.32 14.65 -1.12
C GLU A 240 16.29 14.88 -2.62
N VAL A 241 15.21 14.48 -3.27
CA VAL A 241 15.11 14.66 -4.73
C VAL A 241 15.11 16.15 -5.06
N LYS A 242 14.78 16.99 -4.07
CA LYS A 242 14.79 18.44 -4.28
C LYS A 242 16.23 18.94 -4.27
N VAL A 243 16.97 18.57 -3.23
CA VAL A 243 18.34 19.06 -3.07
C VAL A 243 19.34 18.32 -3.97
N ALA A 244 19.10 17.03 -4.22
CA ALA A 244 19.99 16.22 -5.04
C ALA A 244 19.23 15.41 -6.08
N PRO A 245 18.64 16.10 -7.07
CA PRO A 245 17.82 15.41 -8.08
C PRO A 245 18.56 14.31 -8.84
N SER A 246 17.84 13.24 -9.12
CA SER A 246 18.36 12.10 -9.87
C SER A 246 17.20 11.13 -10.06
N GLU A 247 17.37 10.13 -10.92
CA GLU A 247 16.29 9.19 -11.19
C GLU A 247 16.07 8.25 -10.01
N LEU A 248 17.17 7.91 -9.34
CA LEU A 248 17.11 7.06 -8.16
C LEU A 248 16.20 7.69 -7.09
N ALA A 249 16.52 8.93 -6.73
CA ALA A 249 15.74 9.68 -5.73
C ALA A 249 14.27 9.80 -6.13
N ARG A 250 14.02 10.01 -7.41
CA ARG A 250 12.65 10.14 -7.92
C ARG A 250 11.87 8.83 -7.75
N SER A 251 12.45 7.75 -8.26
CA SER A 251 11.86 6.42 -8.12
C SER A 251 11.69 6.11 -6.63
N ARG A 252 12.62 6.59 -5.81
CA ARG A 252 12.53 6.45 -4.37
C ARG A 252 11.27 7.17 -3.84
N CYS A 253 11.10 8.43 -4.23
CA CYS A 253 9.91 9.19 -3.88
C CYS A 253 8.66 8.38 -4.26
N ALA A 254 8.68 7.76 -5.42
CA ALA A 254 7.56 6.90 -5.81
C ALA A 254 7.47 5.66 -4.92
N LEU A 255 8.62 5.10 -4.56
CA LEU A 255 8.66 3.94 -3.68
C LEU A 255 7.98 4.21 -2.33
N PHE A 256 8.32 5.33 -1.71
CA PHE A 256 7.79 5.64 -0.38
C PHE A 256 6.40 6.31 -0.39
N SER A 257 5.77 6.38 -1.56
CA SER A 257 4.41 6.92 -1.66
C SER A 257 3.36 5.90 -1.18
N GLY A 258 3.59 4.64 -1.50
CA GLY A 258 2.65 3.58 -1.18
C GLY A 258 2.23 3.49 0.28
N PRO A 259 3.22 3.46 1.19
CA PRO A 259 2.93 3.37 2.62
C PRO A 259 2.03 4.49 3.14
N LEU A 260 2.23 5.70 2.64
CA LEU A 260 1.44 6.85 3.08
C LEU A 260 0.00 6.75 2.59
N VAL A 261 -0.15 6.45 1.30
CA VAL A 261 -1.47 6.29 0.69
C VAL A 261 -2.23 5.19 1.42
N GLN A 262 -1.55 4.06 1.65
CA GLN A 262 -2.18 2.94 2.32
C GLN A 262 -2.53 3.31 3.77
N ALA A 263 -1.60 3.96 4.46
CA ALA A 263 -1.83 4.39 5.83
C ALA A 263 -3.10 5.24 5.93
N VAL A 264 -3.16 6.29 5.10
CA VAL A 264 -4.31 7.18 5.09
C VAL A 264 -5.58 6.44 4.70
N SER A 265 -5.49 5.58 3.70
CA SER A 265 -6.64 4.81 3.26
C SER A 265 -7.16 3.91 4.38
N ALA A 266 -6.24 3.29 5.10
CA ALA A 266 -6.61 2.40 6.20
C ALA A 266 -7.25 3.19 7.35
N LEU A 267 -6.63 4.30 7.69
CA LEU A 267 -7.13 5.14 8.79
C LEU A 267 -8.51 5.70 8.46
N VAL A 268 -8.67 6.21 7.24
CA VAL A 268 -9.95 6.77 6.82
C VAL A 268 -10.99 5.67 6.70
N GLY A 269 -10.59 4.53 6.14
CA GLY A 269 -11.46 3.39 6.05
C GLY A 269 -11.98 2.96 7.41
N PHE A 270 -11.07 2.91 8.39
CA PHE A 270 -11.45 2.55 9.75
C PHE A 270 -12.34 3.62 10.38
N ALA A 271 -11.98 4.88 10.16
CA ALA A 271 -12.72 5.99 10.76
C ALA A 271 -14.17 6.05 10.29
N THR A 272 -14.44 5.49 9.10
CA THR A 272 -15.78 5.54 8.52
C THR A 272 -16.49 4.18 8.58
N GLU A 273 -16.17 3.39 9.60
CA GLU A 273 -16.89 2.14 9.82
C GLU A 273 -18.32 2.49 10.25
N PRO A 274 -19.29 1.64 9.91
CA PRO A 274 -20.70 2.02 10.05
C PRO A 274 -21.09 2.52 11.44
N GLN A 275 -20.54 1.91 12.49
CA GLN A 275 -20.91 2.29 13.86
C GLN A 275 -20.32 3.63 14.26
N PHE A 276 -19.39 4.16 13.46
CA PHE A 276 -18.77 5.46 13.76
C PHE A 276 -19.46 6.61 13.03
N LEU A 277 -20.40 6.28 12.15
CA LEU A 277 -20.91 7.24 11.16
C LEU A 277 -21.96 8.22 11.69
N GLY A 278 -22.54 7.94 12.84
CA GLY A 278 -23.63 8.76 13.36
C GLY A 278 -24.87 8.59 12.51
N ARG A 279 -25.68 9.65 12.43
CA ARG A 279 -26.95 9.56 11.71
C ARG A 279 -27.24 10.81 10.88
N ALA A 280 -27.78 10.60 9.69
CA ALA A 280 -28.31 11.69 8.89
C ALA A 280 -29.58 12.23 9.56
N ALA A 281 -29.97 13.46 9.22
CA ALA A 281 -31.18 14.05 9.76
C ALA A 281 -32.43 13.30 9.34
N ALA A 282 -33.44 13.28 10.21
CA ALA A 282 -34.74 12.72 9.90
C ALA A 282 -35.74 13.83 9.69
N VAL A 283 -36.14 14.05 8.44
CA VAL A 283 -36.98 15.18 8.06
C VAL A 283 -38.23 14.77 7.30
N SER A 284 -39.28 15.59 7.43
CA SER A 284 -40.51 15.40 6.66
C SER A 284 -40.26 15.55 5.17
N ALA A 285 -41.29 15.34 4.37
CA ALA A 285 -41.19 15.45 2.92
C ALA A 285 -40.91 16.90 2.50
N GLU A 286 -41.51 17.82 3.24
CA GLU A 286 -41.33 19.25 2.98
C GLU A 286 -39.85 19.63 3.13
N GLY A 287 -39.22 19.14 4.18
CA GLY A 287 -37.81 19.39 4.40
C GLY A 287 -36.96 18.91 3.22
N LYS A 288 -37.21 17.66 2.82
CA LYS A 288 -36.46 17.08 1.72
C LYS A 288 -36.68 17.86 0.42
N ALA A 289 -37.91 18.30 0.21
CA ALA A 289 -38.21 19.16 -0.94
C ALA A 289 -37.38 20.43 -0.89
N VAL A 290 -37.48 21.13 0.24
CA VAL A 290 -36.73 22.35 0.48
C VAL A 290 -35.23 22.16 0.22
N GLN A 291 -34.71 21.01 0.63
CA GLN A 291 -33.30 20.70 0.42
C GLN A 291 -33.00 20.39 -1.07
N THR A 292 -33.88 19.59 -1.68
CA THR A 292 -33.73 19.20 -3.08
C THR A 292 -33.65 20.42 -3.99
N ALA A 293 -34.52 21.39 -3.73
CA ALA A 293 -34.53 22.63 -4.49
C ALA A 293 -33.14 23.31 -4.49
N ILE A 294 -32.66 23.63 -3.30
CA ILE A 294 -31.39 24.33 -3.13
C ILE A 294 -30.26 23.54 -3.77
N LEU A 295 -30.22 22.23 -3.51
CA LEU A 295 -29.20 21.38 -4.10
C LEU A 295 -29.30 21.41 -5.63
N GLY A 296 -30.52 21.46 -6.15
CA GLY A 296 -30.74 21.60 -7.58
C GLY A 296 -30.09 22.86 -8.12
N GLY A 297 -30.41 24.00 -7.51
CA GLY A 297 -29.84 25.27 -7.92
C GLY A 297 -28.31 25.25 -7.90
N ALA A 298 -27.76 24.82 -6.77
CA ALA A 298 -26.30 24.75 -6.64
C ALA A 298 -25.70 23.84 -7.72
N MET A 299 -26.35 22.71 -8.00
CA MET A 299 -25.90 21.83 -9.06
C MET A 299 -25.94 22.55 -10.41
N SER A 300 -26.99 23.33 -10.63
CA SER A 300 -27.07 24.15 -11.84
C SER A 300 -25.82 25.03 -11.97
N VAL A 301 -25.51 25.75 -10.89
CA VAL A 301 -24.31 26.59 -10.88
C VAL A 301 -23.05 25.79 -11.23
N VAL A 302 -22.82 24.70 -10.50
CA VAL A 302 -21.63 23.89 -10.72
C VAL A 302 -21.54 23.40 -12.18
N SER A 303 -22.63 22.84 -12.69
CA SER A 303 -22.65 22.33 -14.06
C SER A 303 -22.34 23.44 -15.07
N ALA A 304 -22.98 24.60 -14.88
CA ALA A 304 -22.73 25.74 -15.76
C ALA A 304 -21.26 26.12 -15.74
N CYS A 305 -20.69 26.24 -14.55
CA CYS A 305 -19.27 26.58 -14.43
C CYS A 305 -18.38 25.51 -15.05
N VAL A 306 -18.78 24.25 -14.93
CA VAL A 306 -18.06 23.15 -15.60
C VAL A 306 -18.04 23.35 -17.12
N LEU A 307 -19.23 23.55 -17.69
CA LEU A 307 -19.33 23.76 -19.13
C LEU A 307 -18.49 24.97 -19.53
N LEU A 308 -18.51 26.01 -18.71
CA LEU A 308 -17.67 27.18 -18.95
C LEU A 308 -16.19 26.80 -18.97
N THR A 309 -15.75 26.04 -17.96
CA THR A 309 -14.36 25.56 -17.90
C THR A 309 -13.97 24.83 -19.18
N GLN A 310 -14.80 23.90 -19.61
CA GLN A 310 -14.48 23.18 -20.84
C GLN A 310 -14.41 24.14 -22.02
N CYS A 311 -15.34 25.09 -22.07
CA CYS A 311 -15.31 26.10 -23.12
C CYS A 311 -14.04 26.94 -23.08
N LEU A 312 -13.55 27.27 -21.89
CA LEU A 312 -12.27 27.96 -21.76
C LEU A 312 -11.14 27.09 -22.29
N ARG A 313 -11.16 25.82 -21.91
CA ARG A 313 -10.16 24.86 -22.35
C ARG A 313 -10.25 24.65 -23.87
N ASP A 314 -11.45 24.76 -24.41
CA ASP A 314 -11.70 24.51 -25.83
C ASP A 314 -10.92 25.45 -26.75
N LEU A 315 -10.91 26.75 -26.44
CA LEU A 315 -10.29 27.74 -27.32
C LEU A 315 -8.79 27.87 -27.08
N ALA A 316 -8.26 27.04 -26.17
CA ALA A 316 -6.86 27.12 -25.80
C ALA A 316 -5.97 26.28 -26.72
N GLN A 317 -6.44 26.09 -27.95
CA GLN A 317 -5.66 25.40 -28.99
C GLN A 317 -5.44 26.35 -30.17
N HIS A 318 -6.54 26.76 -30.80
CA HIS A 318 -6.49 27.68 -31.93
C HIS A 318 -7.29 28.94 -31.58
N PRO A 319 -6.74 29.80 -30.69
CA PRO A 319 -7.44 31.00 -30.22
C PRO A 319 -7.71 32.04 -31.31
N ASP A 320 -6.68 32.40 -32.08
CA ASP A 320 -6.83 33.38 -33.16
C ASP A 320 -7.96 32.99 -34.11
N GLY A 321 -8.09 31.70 -34.38
CA GLY A 321 -9.13 31.22 -35.26
C GLY A 321 -10.44 31.18 -34.50
N GLY A 322 -10.42 30.49 -33.36
CA GLY A 322 -11.58 30.31 -32.51
C GLY A 322 -12.92 30.34 -33.20
N ALA A 323 -13.23 29.27 -33.94
CA ALA A 323 -14.49 29.19 -34.67
C ALA A 323 -15.65 29.04 -33.68
N LYS A 324 -15.32 28.65 -32.45
CA LYS A 324 -16.31 28.44 -31.39
C LYS A 324 -16.29 29.61 -30.42
N MET A 325 -16.68 30.79 -30.88
CA MET A 325 -16.78 31.96 -30.01
C MET A 325 -18.09 32.07 -29.24
N SER A 326 -19.13 31.41 -29.74
CA SER A 326 -20.45 31.47 -29.10
C SER A 326 -20.53 30.58 -27.86
N ASP A 327 -20.01 29.36 -27.99
CA ASP A 327 -19.99 28.39 -26.89
C ASP A 327 -19.42 29.00 -25.62
N HIS A 328 -18.31 29.72 -25.75
CA HIS A 328 -17.67 30.36 -24.63
C HIS A 328 -18.59 31.39 -23.97
N ARG A 329 -19.15 32.26 -24.80
CA ARG A 329 -20.02 33.33 -24.32
C ARG A 329 -21.32 32.81 -23.69
N GLU A 330 -21.83 31.69 -24.20
CA GLU A 330 -23.08 31.12 -23.69
C GLU A 330 -23.02 30.70 -22.21
N ARG A 331 -21.81 30.42 -21.72
CA ARG A 331 -21.65 29.88 -20.37
C ARG A 331 -21.64 30.97 -19.30
N LEU A 332 -21.28 32.19 -19.68
CA LEU A 332 -21.52 33.35 -18.83
C LEU A 332 -23.00 33.37 -18.49
N ARG A 333 -23.81 33.31 -19.53
CA ARG A 333 -25.26 33.31 -19.40
C ARG A 333 -25.72 32.12 -18.56
N ASN A 334 -25.30 30.92 -18.95
CA ASN A 334 -25.65 29.72 -18.21
C ASN A 334 -25.36 29.86 -16.71
N SER A 335 -24.14 30.29 -16.41
CA SER A 335 -23.72 30.50 -15.02
C SER A 335 -24.62 31.52 -14.33
N ALA A 336 -24.86 32.64 -14.99
CA ALA A 336 -25.72 33.70 -14.44
C ALA A 336 -27.11 33.17 -14.10
N CYS A 337 -27.73 32.46 -15.04
CA CYS A 337 -29.06 31.91 -14.82
C CYS A 337 -29.05 30.90 -13.70
N ALA A 338 -28.02 30.06 -13.68
CA ALA A 338 -27.86 29.09 -12.59
C ALA A 338 -27.80 29.81 -11.25
N VAL A 339 -27.00 30.88 -11.19
CA VAL A 339 -26.91 31.71 -10.01
C VAL A 339 -28.30 32.25 -9.64
N SER A 340 -29.07 32.63 -10.65
CA SER A 340 -30.43 33.13 -10.41
C SER A 340 -31.32 32.04 -9.78
N GLU A 341 -31.28 30.83 -10.33
CA GLU A 341 -31.99 29.71 -9.70
C GLU A 341 -31.55 29.54 -8.24
N GLY A 342 -30.24 29.44 -8.05
CA GLY A 342 -29.67 29.35 -6.72
C GLY A 342 -30.25 30.37 -5.77
N CYS A 343 -30.18 31.64 -6.14
CA CYS A 343 -30.75 32.71 -5.33
C CYS A 343 -32.26 32.53 -5.16
N THR A 344 -32.91 32.05 -6.23
CA THR A 344 -34.36 31.86 -6.21
C THR A 344 -34.78 30.90 -5.10
N LEU A 345 -34.12 29.76 -5.02
CA LEU A 345 -34.53 28.75 -4.03
C LEU A 345 -34.02 29.01 -2.61
N LEU A 346 -33.32 30.11 -2.37
CA LEU A 346 -32.88 30.45 -1.01
C LEU A 346 -33.82 31.43 -0.33
N SER A 347 -34.39 32.34 -1.11
CA SER A 347 -35.30 33.38 -0.61
C SER A 347 -36.71 32.85 -0.39
N GLN A 348 -37.09 31.83 -1.14
CA GLN A 348 -38.44 31.29 -1.09
C GLN A 348 -38.63 30.27 0.01
N ALA A 349 -37.78 29.24 0.03
CA ALA A 349 -37.87 28.22 1.07
C ALA A 349 -37.47 28.80 2.42
N HIS B 45 -10.54 -34.23 6.48
CA HIS B 45 -9.95 -33.11 7.19
C HIS B 45 -8.47 -33.32 7.46
N CYS B 46 -8.11 -34.48 8.00
CA CYS B 46 -6.74 -34.71 8.43
C CYS B 46 -5.82 -35.01 7.26
N LYS B 47 -6.39 -35.56 6.19
CA LYS B 47 -5.65 -35.63 4.93
C LYS B 47 -5.79 -34.26 4.29
N GLY B 48 -6.85 -33.55 4.65
CA GLY B 48 -7.05 -32.17 4.24
C GLY B 48 -5.94 -31.28 4.75
N LYS B 49 -5.51 -31.56 5.98
CA LYS B 49 -4.44 -30.83 6.64
C LYS B 49 -3.09 -31.04 5.96
N MET B 50 -3.03 -31.99 5.03
CA MET B 50 -1.80 -32.37 4.37
C MET B 50 -1.57 -31.62 3.05
N GLN B 51 -2.66 -31.28 2.34
CA GLN B 51 -2.53 -30.44 1.14
C GLN B 51 -1.79 -29.16 1.49
N LEU B 52 -2.17 -28.57 2.61
CA LEU B 52 -1.55 -27.35 3.12
C LEU B 52 -0.02 -27.47 3.17
N VAL B 53 0.45 -28.48 3.90
CA VAL B 53 1.88 -28.66 4.12
C VAL B 53 2.57 -29.02 2.81
N ALA B 54 2.00 -29.98 2.09
CA ALA B 54 2.57 -30.39 0.80
C ALA B 54 2.29 -29.34 -0.28
N ASP B 55 2.61 -28.09 0.04
CA ASP B 55 2.33 -26.94 -0.81
C ASP B 55 3.12 -25.77 -0.26
N LEU B 56 2.88 -25.45 1.01
CA LEU B 56 3.67 -24.42 1.66
C LEU B 56 5.11 -24.92 1.78
N LEU B 57 5.28 -26.23 1.91
CA LEU B 57 6.62 -26.83 1.93
C LEU B 57 7.27 -26.67 0.57
N LEU B 58 6.54 -27.05 -0.48
CA LEU B 58 7.01 -26.94 -1.85
C LEU B 58 7.45 -25.51 -2.16
N LEU B 59 6.60 -24.54 -1.84
CA LEU B 59 6.94 -23.14 -2.11
C LEU B 59 8.08 -22.70 -1.20
N SER B 60 8.07 -23.15 0.04
CA SER B 60 9.13 -22.82 0.99
C SER B 60 10.48 -23.33 0.46
N SER B 61 10.48 -24.51 -0.15
CA SER B 61 11.72 -25.09 -0.64
C SER B 61 12.05 -24.69 -2.07
N GLU B 62 11.06 -24.18 -2.81
CA GLU B 62 11.32 -23.64 -4.14
C GLU B 62 11.74 -22.17 -4.09
N ALA B 63 11.31 -21.46 -3.04
CA ALA B 63 11.72 -20.07 -2.84
C ALA B 63 13.21 -19.97 -2.52
N ARG B 64 13.74 -20.96 -1.81
CA ARG B 64 15.12 -20.92 -1.34
C ARG B 64 16.12 -21.01 -2.48
N PRO B 65 15.76 -21.69 -3.58
CA PRO B 65 16.43 -21.47 -4.86
C PRO B 65 16.35 -20.01 -5.33
N VAL B 66 16.84 -19.12 -4.48
CA VAL B 66 17.21 -17.77 -4.83
C VAL B 66 18.72 -17.73 -4.61
N LEU B 67 19.25 -18.83 -4.06
CA LEU B 67 20.68 -19.03 -3.86
C LEU B 67 21.26 -19.90 -4.97
N PHE B 68 20.39 -20.53 -5.76
CA PHE B 68 20.80 -21.47 -6.79
C PHE B 68 20.92 -20.83 -8.17
N GLU B 69 20.44 -19.60 -8.33
CA GLU B 69 20.66 -18.85 -9.56
C GLU B 69 21.27 -17.50 -9.22
N GLY B 70 22.35 -17.15 -9.91
CA GLY B 70 22.99 -15.87 -9.73
C GLY B 70 24.50 -15.97 -9.57
N PRO B 71 25.11 -14.97 -8.91
CA PRO B 71 26.56 -14.90 -8.70
C PRO B 71 27.00 -15.59 -7.41
N ALA B 72 28.23 -15.32 -6.97
CA ALA B 72 28.82 -16.02 -5.83
C ALA B 72 28.94 -15.11 -4.60
N SER B 73 28.13 -15.41 -3.58
CA SER B 73 28.20 -14.70 -2.32
C SER B 73 28.11 -15.67 -1.15
N SER B 74 28.71 -15.29 -0.02
CA SER B 74 28.57 -16.06 1.21
C SER B 74 27.10 -16.16 1.60
N GLY B 75 26.58 -17.39 1.65
CA GLY B 75 25.18 -17.62 1.96
C GLY B 75 24.92 -17.90 3.42
N ALA B 76 25.88 -17.53 4.27
CA ALA B 76 25.78 -17.79 5.70
C ALA B 76 26.68 -16.84 6.48
N GLY B 77 26.73 -17.03 7.80
CA GLY B 77 27.49 -16.15 8.68
C GLY B 77 28.57 -16.87 9.47
N ALA B 78 29.78 -16.89 8.91
CA ALA B 78 30.97 -17.36 9.61
C ALA B 78 31.00 -18.87 9.87
N GLU B 79 31.20 -19.65 8.81
CA GLU B 79 31.52 -21.07 8.94
C GLU B 79 32.53 -21.48 7.87
N SER B 80 33.23 -22.59 8.11
CA SER B 80 34.22 -23.10 7.18
C SER B 80 33.66 -24.21 6.30
N PHE B 81 34.37 -24.50 5.22
CA PHE B 81 33.89 -25.43 4.19
C PHE B 81 33.67 -26.86 4.72
N GLU B 82 34.61 -27.34 5.52
CA GLU B 82 34.57 -28.71 6.01
C GLU B 82 33.38 -28.90 6.94
N GLN B 83 33.25 -27.99 7.90
CA GLN B 83 32.13 -27.98 8.83
C GLN B 83 30.80 -27.90 8.08
N CYS B 84 30.78 -27.06 7.05
CA CYS B 84 29.60 -26.88 6.20
C CYS B 84 29.24 -28.21 5.53
N ARG B 85 30.25 -28.88 4.99
CA ARG B 85 30.08 -30.18 4.36
C ARG B 85 29.53 -31.19 5.35
N ASP B 86 30.08 -31.19 6.57
CA ASP B 86 29.59 -32.06 7.63
C ASP B 86 28.11 -31.81 7.89
N THR B 87 27.74 -30.54 8.02
CA THR B 87 26.35 -30.16 8.17
C THR B 87 25.52 -30.78 7.04
N ILE B 88 26.00 -30.65 5.81
CA ILE B 88 25.29 -31.21 4.67
C ILE B 88 25.12 -32.73 4.79
N ILE B 89 26.19 -33.43 5.17
CA ILE B 89 26.10 -34.87 5.43
C ILE B 89 24.97 -35.18 6.41
N ALA B 90 25.00 -34.51 7.56
CA ALA B 90 23.97 -34.68 8.57
C ALA B 90 22.57 -34.49 7.98
N ARG B 91 22.39 -33.38 7.26
CA ARG B 91 21.12 -33.10 6.60
C ARG B 91 20.67 -34.24 5.69
N THR B 92 21.59 -34.72 4.85
CA THR B 92 21.24 -35.80 3.91
C THR B 92 20.84 -37.09 4.65
N LYS B 93 21.54 -37.42 5.72
CA LYS B 93 21.10 -38.53 6.57
C LYS B 93 19.65 -38.30 7.04
N GLY B 94 19.44 -37.15 7.68
CA GLY B 94 18.12 -36.75 8.11
C GLY B 94 17.11 -36.85 6.97
N LEU B 95 17.57 -36.53 5.77
CA LEU B 95 16.72 -36.56 4.58
C LEU B 95 16.30 -38.00 4.26
N SER B 96 17.25 -38.93 4.27
CA SER B 96 16.93 -40.34 4.09
C SER B 96 15.88 -40.80 5.11
N ILE B 97 16.16 -40.50 6.37
CA ILE B 97 15.23 -40.85 7.45
C ILE B 97 13.83 -40.31 7.17
N LEU B 98 13.73 -38.99 6.96
CA LEU B 98 12.43 -38.35 6.79
C LEU B 98 11.72 -38.82 5.53
N THR B 99 12.49 -39.12 4.49
CA THR B 99 11.94 -39.69 3.27
C THR B 99 11.19 -40.96 3.64
N HIS B 100 11.90 -41.89 4.28
CA HIS B 100 11.24 -43.13 4.71
C HIS B 100 10.02 -42.84 5.58
N ASP B 101 10.23 -42.07 6.65
CA ASP B 101 9.17 -41.75 7.61
C ASP B 101 7.91 -41.27 6.93
N VAL B 102 8.01 -40.22 6.12
CA VAL B 102 6.84 -39.64 5.47
C VAL B 102 6.22 -40.67 4.52
N GLN B 103 7.06 -41.39 3.79
CA GLN B 103 6.55 -42.46 2.92
C GLN B 103 5.67 -43.45 3.68
N SER B 104 6.24 -44.10 4.68
CA SER B 104 5.52 -45.14 5.43
C SER B 104 4.32 -44.56 6.16
N GLN B 105 4.49 -43.38 6.73
CA GLN B 105 3.43 -42.73 7.47
C GLN B 105 2.24 -42.43 6.57
N LEU B 106 2.50 -41.99 5.33
CA LEU B 106 1.41 -41.84 4.37
C LEU B 106 0.82 -43.21 4.04
N ASN B 107 1.68 -44.16 3.66
CA ASN B 107 1.20 -45.47 3.22
C ASN B 107 0.52 -46.26 4.33
N MET B 108 0.71 -45.85 5.57
CA MET B 108 -0.07 -46.38 6.68
C MET B 108 -1.45 -45.73 6.73
N GLY B 109 -1.51 -44.47 6.31
CA GLY B 109 -2.72 -43.67 6.38
C GLY B 109 -2.66 -42.72 7.57
N ARG B 110 -1.49 -42.66 8.20
CA ARG B 110 -1.27 -41.78 9.36
C ARG B 110 -0.84 -40.40 8.85
N PHE B 111 -1.82 -39.61 8.43
CA PHE B 111 -1.59 -38.37 7.71
C PHE B 111 -1.03 -37.23 8.58
N GLY B 112 -1.57 -37.11 9.79
CA GLY B 112 -1.14 -36.07 10.72
C GLY B 112 0.35 -36.14 11.00
N GLU B 113 0.89 -37.35 11.02
CA GLU B 113 2.31 -37.56 11.22
C GLU B 113 3.08 -37.21 9.96
N ALA B 114 2.56 -37.66 8.82
CA ALA B 114 3.14 -37.38 7.52
C ALA B 114 3.33 -35.88 7.31
N GLY B 115 2.30 -35.10 7.68
CA GLY B 115 2.38 -33.66 7.60
C GLY B 115 3.58 -33.07 8.31
N ASP B 116 3.71 -33.39 9.59
CA ASP B 116 4.81 -32.87 10.40
C ASP B 116 6.15 -33.35 9.84
N SER B 117 6.19 -34.61 9.42
CA SER B 117 7.38 -35.16 8.78
C SER B 117 7.76 -34.31 7.57
N LEU B 118 6.77 -33.97 6.76
CA LEU B 118 7.00 -33.09 5.62
C LEU B 118 7.57 -31.76 6.11
N VAL B 119 6.86 -31.08 7.01
CA VAL B 119 7.35 -29.81 7.56
C VAL B 119 8.85 -29.88 7.92
N GLU B 120 9.21 -30.88 8.72
CA GLU B 120 10.61 -31.06 9.10
C GLU B 120 11.50 -31.30 7.89
N LEU B 121 11.02 -32.09 6.94
CA LEU B 121 11.76 -32.31 5.70
C LEU B 121 12.02 -30.98 4.99
N GLY B 122 10.99 -30.14 4.91
CA GLY B 122 11.10 -28.84 4.28
C GLY B 122 12.17 -28.01 4.94
N ASP B 123 12.06 -27.87 6.26
CA ASP B 123 13.06 -27.11 7.02
C ASP B 123 14.47 -27.66 6.76
N LEU B 124 14.58 -28.98 6.75
CA LEU B 124 15.86 -29.65 6.53
C LEU B 124 16.42 -29.34 5.13
N VAL B 125 15.56 -29.41 4.12
CA VAL B 125 15.98 -29.13 2.75
C VAL B 125 16.42 -27.67 2.63
N VAL B 126 15.69 -26.77 3.27
CA VAL B 126 16.07 -25.36 3.32
C VAL B 126 17.49 -25.22 3.88
N SER B 127 17.71 -25.80 5.06
CA SER B 127 19.03 -25.77 5.68
C SER B 127 20.10 -26.31 4.73
N LEU B 128 19.82 -27.46 4.13
CA LEU B 128 20.76 -28.09 3.19
C LEU B 128 21.05 -27.15 2.02
N THR B 129 20.02 -26.46 1.55
CA THR B 129 20.16 -25.51 0.46
C THR B 129 21.10 -24.36 0.85
N GLU B 130 20.86 -23.78 2.02
CA GLU B 130 21.71 -22.69 2.50
C GLU B 130 23.16 -23.15 2.64
N CYS B 131 23.35 -24.31 3.24
CA CYS B 131 24.70 -24.84 3.44
C CYS B 131 25.38 -25.14 2.11
N SER B 132 24.64 -25.75 1.18
CA SER B 132 25.16 -26.00 -0.15
C SER B 132 25.63 -24.72 -0.82
N ALA B 133 24.78 -23.69 -0.81
CA ALA B 133 25.15 -22.40 -1.39
C ALA B 133 26.42 -21.84 -0.75
N HIS B 134 26.45 -21.83 0.58
CA HIS B 134 27.63 -21.32 1.28
C HIS B 134 28.89 -22.11 0.89
N ALA B 135 28.79 -23.43 0.89
CA ALA B 135 29.92 -24.29 0.53
C ALA B 135 30.39 -24.00 -0.90
N ALA B 136 29.42 -23.79 -1.79
CA ALA B 136 29.74 -23.42 -3.17
C ALA B 136 30.55 -22.13 -3.18
N TYR B 137 30.08 -21.13 -2.43
CA TYR B 137 30.82 -19.87 -2.34
C TYR B 137 32.25 -20.09 -1.83
N LEU B 138 32.38 -20.78 -0.69
CA LEU B 138 33.69 -21.02 -0.10
C LEU B 138 34.63 -21.76 -1.05
N ALA B 139 34.12 -22.79 -1.71
CA ALA B 139 34.91 -23.52 -2.69
C ALA B 139 35.32 -22.60 -3.83
N ALA B 140 34.39 -21.77 -4.29
CA ALA B 140 34.68 -20.82 -5.36
C ALA B 140 35.82 -19.88 -4.98
N VAL B 141 35.72 -19.25 -3.81
CA VAL B 141 36.71 -18.26 -3.42
C VAL B 141 38.05 -18.89 -3.00
N ALA B 142 38.02 -20.17 -2.63
CA ALA B 142 39.24 -20.90 -2.30
C ALA B 142 40.14 -21.04 -3.53
N THR B 143 39.57 -20.82 -4.70
CA THR B 143 40.29 -20.93 -5.96
C THR B 143 41.40 -19.86 -6.04
N PRO B 144 42.55 -20.19 -6.66
CA PRO B 144 43.73 -19.32 -6.82
C PRO B 144 43.49 -17.80 -6.90
N GLY B 145 42.99 -17.30 -8.02
CA GLY B 145 42.94 -15.87 -8.27
C GLY B 145 41.69 -15.17 -7.81
N ALA B 146 40.95 -15.79 -6.90
CA ALA B 146 39.67 -15.25 -6.44
C ALA B 146 39.82 -13.99 -5.59
N GLN B 147 38.86 -13.08 -5.75
CA GLN B 147 38.66 -11.99 -4.80
C GLN B 147 37.36 -12.26 -4.06
N PRO B 148 37.36 -12.12 -2.72
CA PRO B 148 36.15 -12.43 -1.95
C PRO B 148 35.03 -11.43 -2.21
N ALA B 149 33.80 -11.82 -1.92
CA ALA B 149 32.67 -10.91 -2.04
C ALA B 149 32.78 -9.81 -0.99
N GLN B 150 32.02 -8.73 -1.20
CA GLN B 150 31.96 -7.63 -0.25
C GLN B 150 30.50 -7.40 0.17
N PRO B 151 30.24 -7.34 1.49
CA PRO B 151 28.85 -7.29 1.96
C PRO B 151 28.13 -5.98 1.63
N GLY B 152 26.86 -6.08 1.26
CA GLY B 152 25.99 -4.92 1.18
C GLY B 152 25.62 -4.48 2.58
N LEU B 153 24.84 -3.41 2.68
CA LEU B 153 24.40 -2.92 3.98
C LEU B 153 23.52 -3.96 4.67
N VAL B 154 22.80 -4.74 3.87
CA VAL B 154 21.97 -5.82 4.39
C VAL B 154 22.17 -7.10 3.58
N ASP B 155 21.83 -8.24 4.19
CA ASP B 155 21.86 -9.51 3.48
C ASP B 155 20.64 -9.61 2.58
N ARG B 156 20.86 -9.52 1.28
CA ARG B 156 19.76 -9.48 0.31
C ARG B 156 18.84 -10.69 0.42
N TYR B 157 19.42 -11.87 0.48
CA TYR B 157 18.67 -13.13 0.53
C TYR B 157 17.67 -13.17 1.70
N ARG B 158 18.15 -12.85 2.88
CA ARG B 158 17.32 -12.92 4.09
C ARG B 158 16.19 -11.90 4.06
N VAL B 159 16.49 -10.64 3.73
CA VAL B 159 15.47 -9.61 3.71
C VAL B 159 14.45 -9.90 2.61
N THR B 160 14.93 -10.44 1.49
CA THR B 160 14.03 -10.86 0.41
C THR B 160 13.05 -11.91 0.96
N ARG B 161 13.60 -12.95 1.59
CA ARG B 161 12.77 -13.98 2.22
C ARG B 161 11.77 -13.39 3.21
N CYS B 162 12.24 -12.46 4.04
CA CYS B 162 11.38 -11.82 5.03
C CYS B 162 10.23 -11.04 4.38
N ARG B 163 10.53 -10.25 3.35
CA ARG B 163 9.48 -9.56 2.60
C ARG B 163 8.46 -10.56 2.07
N HIS B 164 8.96 -11.61 1.44
CA HIS B 164 8.09 -12.66 0.92
C HIS B 164 7.18 -13.24 2.00
N GLU B 165 7.76 -13.50 3.18
CA GLU B 165 6.99 -14.08 4.27
C GLU B 165 6.00 -13.10 4.88
N VAL B 166 6.34 -11.82 4.95
CA VAL B 166 5.39 -10.82 5.45
C VAL B 166 4.20 -10.78 4.49
N GLU B 167 4.49 -10.71 3.19
CA GLU B 167 3.43 -10.71 2.20
C GLU B 167 2.58 -11.98 2.30
N GLN B 168 3.23 -13.14 2.45
CA GLN B 168 2.51 -14.38 2.65
C GLN B 168 1.57 -14.32 3.85
N GLY B 169 2.09 -13.86 4.99
CA GLY B 169 1.30 -13.75 6.20
C GLY B 169 0.07 -12.86 6.00
N CYS B 170 0.29 -11.68 5.44
CA CYS B 170 -0.82 -10.76 5.21
C CYS B 170 -1.81 -11.35 4.22
N ALA B 171 -1.30 -12.04 3.20
CA ALA B 171 -2.16 -12.75 2.26
C ALA B 171 -3.04 -13.76 2.98
N VAL B 172 -2.44 -14.52 3.91
CA VAL B 172 -3.19 -15.47 4.71
C VAL B 172 -4.25 -14.74 5.52
N LEU B 173 -3.90 -13.60 6.10
CA LEU B 173 -4.90 -12.81 6.83
C LEU B 173 -6.03 -12.35 5.91
N ARG B 174 -5.71 -12.01 4.67
CA ARG B 174 -6.74 -11.59 3.71
C ARG B 174 -7.64 -12.73 3.24
N ALA B 175 -7.05 -13.86 2.86
CA ALA B 175 -7.78 -14.90 2.14
C ALA B 175 -8.47 -15.94 3.04
N THR B 176 -8.21 -15.89 4.34
CA THR B 176 -8.84 -16.82 5.26
C THR B 176 -10.26 -16.34 5.61
N PRO B 177 -11.27 -17.22 5.48
CA PRO B 177 -12.61 -16.80 5.91
C PRO B 177 -12.76 -16.83 7.42
N LEU B 178 -13.73 -16.10 7.96
CA LEU B 178 -13.94 -16.06 9.40
C LEU B 178 -14.19 -17.47 9.92
N ALA B 179 -14.04 -17.66 11.23
CA ALA B 179 -14.19 -18.97 11.88
C ALA B 179 -13.08 -19.96 11.50
N ASP B 180 -12.56 -19.86 10.28
CA ASP B 180 -11.35 -20.57 9.91
C ASP B 180 -10.18 -19.80 10.49
N MET B 181 -10.45 -18.55 10.87
CA MET B 181 -9.48 -17.72 11.56
C MET B 181 -9.48 -18.14 13.02
N THR B 182 -8.81 -19.26 13.32
CA THR B 182 -8.81 -19.80 14.67
C THR B 182 -7.80 -19.06 15.53
N PRO B 183 -8.00 -19.09 16.86
CA PRO B 183 -7.08 -18.41 17.79
C PRO B 183 -5.62 -18.88 17.68
N GLN B 184 -5.41 -20.02 17.02
CA GLN B 184 -4.06 -20.57 16.87
C GLN B 184 -3.41 -20.06 15.59
N LEU B 185 -4.23 -19.96 14.54
CA LEU B 185 -3.77 -19.48 13.25
C LEU B 185 -3.33 -18.02 13.33
N LEU B 186 -4.13 -17.21 14.02
CA LEU B 186 -3.82 -15.80 14.18
C LEU B 186 -2.54 -15.62 14.99
N LEU B 187 -2.35 -16.46 16.01
CA LEU B 187 -1.15 -16.40 16.83
C LEU B 187 0.06 -16.78 15.99
N GLU B 188 -0.11 -17.82 15.17
CA GLU B 188 0.96 -18.26 14.27
C GLU B 188 1.36 -17.15 13.29
N VAL B 189 0.37 -16.60 12.59
CA VAL B 189 0.60 -15.48 11.67
C VAL B 189 1.30 -14.34 12.40
N SER B 190 0.76 -13.96 13.56
CA SER B 190 1.30 -12.86 14.33
C SER B 190 2.77 -13.08 14.69
N GLN B 191 3.09 -14.26 15.20
CA GLN B 191 4.45 -14.57 15.58
C GLN B 191 5.39 -14.59 14.38
N GLY B 192 4.93 -15.17 13.27
CA GLY B 192 5.70 -15.13 12.04
C GLY B 192 6.05 -13.71 11.62
N LEU B 193 5.02 -12.87 11.53
CA LEU B 193 5.22 -11.47 11.18
C LEU B 193 6.20 -10.81 12.17
N SER B 194 6.01 -11.08 13.46
CA SER B 194 6.87 -10.52 14.48
C SER B 194 8.34 -10.94 14.30
N ARG B 195 8.53 -12.20 13.89
N ARG B 195 8.52 -12.19 13.90
CA ARG B 195 9.88 -12.78 13.69
CA ARG B 195 9.86 -12.81 13.67
C ARG B 195 10.56 -12.10 12.49
C ARG B 195 10.54 -12.09 12.51
N ASN B 196 9.83 -11.95 11.39
CA ASN B 196 10.33 -11.30 10.19
C ASN B 196 10.62 -9.82 10.42
N LEU B 197 9.72 -9.16 11.16
CA LEU B 197 9.87 -7.75 11.45
C LEU B 197 11.04 -7.48 12.39
N LYS B 198 11.22 -8.35 13.38
CA LYS B 198 12.38 -8.24 14.26
C LYS B 198 13.66 -8.29 13.42
N PHE B 199 13.75 -9.29 12.54
CA PHE B 199 14.93 -9.41 11.68
C PHE B 199 15.13 -8.15 10.83
N LEU B 200 14.09 -7.74 10.13
CA LEU B 200 14.18 -6.54 9.29
C LEU B 200 14.64 -5.32 10.09
N THR B 201 14.10 -5.18 11.30
CA THR B 201 14.48 -4.06 12.16
C THR B 201 15.97 -4.11 12.50
N ASP B 202 16.44 -5.26 12.96
CA ASP B 202 17.86 -5.39 13.31
C ASP B 202 18.75 -5.12 12.10
N ALA B 203 18.41 -5.74 10.97
CA ALA B 203 19.18 -5.57 9.74
C ALA B 203 19.28 -4.09 9.35
N CYS B 204 18.14 -3.40 9.35
CA CYS B 204 18.12 -2.00 8.93
C CYS B 204 18.79 -1.08 9.96
N ALA B 205 18.72 -1.44 11.24
CA ALA B 205 19.50 -0.73 12.25
C ALA B 205 20.98 -0.82 11.90
N LEU B 206 21.45 -2.05 11.67
CA LEU B 206 22.84 -2.26 11.26
C LEU B 206 23.16 -1.46 10.00
N ALA B 207 22.25 -1.51 9.02
CA ALA B 207 22.43 -0.78 7.77
C ALA B 207 22.56 0.72 8.03
N SER B 208 21.74 1.24 8.94
CA SER B 208 21.82 2.64 9.33
C SER B 208 23.21 2.94 9.89
N ASP B 209 23.66 2.10 10.81
CA ASP B 209 25.01 2.26 11.37
C ASP B 209 26.10 2.24 10.29
N LYS B 210 26.04 1.25 9.41
CA LYS B 210 27.07 1.06 8.39
C LYS B 210 27.06 2.13 7.29
N SER B 211 25.96 2.87 7.19
CA SER B 211 25.81 3.85 6.13
C SER B 211 26.76 5.04 6.30
N ARG B 212 27.32 5.51 5.18
CA ARG B 212 28.24 6.64 5.18
C ARG B 212 27.58 7.87 4.54
N ASP B 213 26.28 7.76 4.28
CA ASP B 213 25.49 8.86 3.75
C ASP B 213 24.47 9.29 4.82
N ARG B 214 24.30 10.60 5.00
CA ARG B 214 23.40 11.10 6.03
C ARG B 214 21.97 10.69 5.69
N PHE B 215 21.59 10.94 4.44
CA PHE B 215 20.26 10.65 3.95
C PHE B 215 19.89 9.18 4.13
N SER B 216 20.79 8.29 3.70
CA SER B 216 20.54 6.85 3.79
C SER B 216 20.43 6.45 5.26
N ARG B 217 21.38 6.95 6.04
CA ARG B 217 21.44 6.73 7.48
C ARG B 217 20.11 7.07 8.15
N GLU B 218 19.56 8.23 7.81
CA GLU B 218 18.26 8.63 8.38
C GLU B 218 17.08 7.87 7.75
N GLN B 219 17.18 7.62 6.45
CA GLN B 219 16.08 7.00 5.72
C GLN B 219 15.81 5.61 6.27
N PHE B 220 16.87 4.87 6.58
CA PHE B 220 16.70 3.56 7.21
C PHE B 220 15.87 3.67 8.50
N LYS B 221 16.21 4.65 9.33
CA LYS B 221 15.49 4.86 10.58
C LYS B 221 14.01 5.18 10.34
N LEU B 222 13.74 6.15 9.46
CA LEU B 222 12.36 6.51 9.13
C LEU B 222 11.58 5.30 8.63
N GLY B 223 12.19 4.54 7.71
CA GLY B 223 11.57 3.35 7.19
C GLY B 223 11.26 2.33 8.27
N VAL B 224 12.20 2.14 9.19
CA VAL B 224 11.97 1.23 10.31
C VAL B 224 10.80 1.70 11.19
N LYS B 225 10.79 2.99 11.52
CA LYS B 225 9.68 3.56 12.30
C LYS B 225 8.33 3.26 11.62
N CYS B 226 8.28 3.56 10.34
CA CYS B 226 7.08 3.30 9.54
C CYS B 226 6.67 1.83 9.61
N MET B 227 7.62 0.94 9.34
CA MET B 227 7.38 -0.51 9.41
C MET B 227 6.80 -0.94 10.77
N SER B 228 7.43 -0.49 11.85
CA SER B 228 7.00 -0.89 13.19
C SER B 228 5.59 -0.35 13.51
N THR B 229 5.33 0.92 13.23
CA THR B 229 3.99 1.46 13.49
C THR B 229 2.93 0.70 12.70
N SER B 230 3.20 0.44 11.42
CA SER B 230 2.29 -0.36 10.61
C SER B 230 2.02 -1.72 11.26
N ALA B 231 3.11 -2.40 11.62
CA ALA B 231 3.01 -3.69 12.28
C ALA B 231 2.10 -3.64 13.51
N SER B 232 2.36 -2.68 14.40
CA SER B 232 1.54 -2.53 15.60
C SER B 232 0.06 -2.37 15.25
N ALA B 233 -0.20 -1.43 14.33
CA ALA B 233 -1.56 -1.19 13.87
C ALA B 233 -2.24 -2.47 13.43
N LEU B 234 -1.56 -3.25 12.59
CA LEU B 234 -2.13 -4.51 12.11
C LEU B 234 -2.33 -5.56 13.23
N LEU B 235 -1.31 -5.75 14.05
CA LEU B 235 -1.39 -6.79 15.09
C LEU B 235 -2.51 -6.48 16.08
N ALA B 236 -2.77 -5.20 16.33
CA ALA B 236 -3.95 -4.83 17.12
C ALA B 236 -5.23 -5.41 16.52
N CYS B 237 -5.38 -5.29 15.20
CA CYS B 237 -6.55 -5.82 14.50
C CYS B 237 -6.57 -7.33 14.59
N VAL B 238 -5.40 -7.94 14.46
CA VAL B 238 -5.30 -9.39 14.59
C VAL B 238 -5.75 -9.83 15.98
N ARG B 239 -5.38 -9.08 17.01
CA ARG B 239 -5.85 -9.39 18.37
C ARG B 239 -7.35 -9.19 18.52
N GLU B 240 -7.88 -8.12 17.93
CA GLU B 240 -9.31 -7.87 18.01
C GLU B 240 -10.12 -8.96 17.32
N VAL B 241 -9.78 -9.32 16.08
CA VAL B 241 -10.52 -10.35 15.37
C VAL B 241 -10.42 -11.70 16.11
N LYS B 242 -9.40 -11.84 16.94
CA LYS B 242 -9.23 -13.04 17.74
C LYS B 242 -10.15 -13.02 18.96
N VAL B 243 -10.14 -11.92 19.70
CA VAL B 243 -10.97 -11.83 20.91
C VAL B 243 -12.44 -11.57 20.60
N ALA B 244 -12.71 -10.82 19.53
CA ALA B 244 -14.08 -10.47 19.16
C ALA B 244 -14.33 -10.73 17.67
N PRO B 245 -14.32 -12.02 17.27
CA PRO B 245 -14.45 -12.37 15.86
C PRO B 245 -15.73 -11.83 15.21
N SER B 246 -15.58 -11.37 13.97
CA SER B 246 -16.68 -10.85 13.16
C SER B 246 -16.14 -10.49 11.78
N GLU B 247 -17.03 -10.22 10.82
CA GLU B 247 -16.62 -9.91 9.46
C GLU B 247 -16.00 -8.52 9.39
N LEU B 248 -16.51 -7.61 10.21
CA LEU B 248 -15.98 -6.26 10.30
C LEU B 248 -14.49 -6.29 10.67
N ALA B 249 -14.20 -6.95 11.78
CA ALA B 249 -12.82 -7.09 12.27
C ALA B 249 -11.92 -7.74 11.22
N ARG B 250 -12.46 -8.72 10.50
CA ARG B 250 -11.71 -9.42 9.47
C ARG B 250 -11.33 -8.47 8.32
N SER B 251 -12.35 -7.80 7.77
CA SER B 251 -12.12 -6.83 6.72
C SER B 251 -11.17 -5.74 7.23
N ARG B 252 -11.28 -5.41 8.52
CA ARG B 252 -10.37 -4.47 9.15
C ARG B 252 -8.92 -4.97 9.07
N CYS B 253 -8.71 -6.22 9.51
CA CYS B 253 -7.40 -6.85 9.40
C CYS B 253 -6.87 -6.76 7.96
N ALA B 254 -7.74 -7.00 6.99
CA ALA B 254 -7.33 -6.87 5.60
C ALA B 254 -7.03 -5.40 5.25
N LEU B 255 -7.82 -4.49 5.79
CA LEU B 255 -7.62 -3.06 5.57
C LEU B 255 -6.23 -2.62 6.03
N PHE B 256 -5.85 -3.03 7.24
CA PHE B 256 -4.58 -2.62 7.82
C PHE B 256 -3.39 -3.47 7.39
N SER B 257 -3.60 -4.36 6.41
CA SER B 257 -2.50 -5.16 5.85
C SER B 257 -1.66 -4.37 4.87
N GLY B 258 -2.30 -3.54 4.05
CA GLY B 258 -1.64 -2.78 3.00
C GLY B 258 -0.45 -1.95 3.45
N PRO B 259 -0.64 -1.14 4.50
CA PRO B 259 0.44 -0.27 5.01
C PRO B 259 1.69 -1.05 5.41
N LEU B 260 1.52 -2.24 5.99
CA LEU B 260 2.67 -3.04 6.43
C LEU B 260 3.43 -3.59 5.23
N VAL B 261 2.70 -4.16 4.28
CA VAL B 261 3.30 -4.69 3.06
C VAL B 261 4.05 -3.58 2.33
N GLN B 262 3.40 -2.42 2.21
CA GLN B 262 4.04 -1.30 1.52
C GLN B 262 5.26 -0.81 2.28
N ALA B 263 5.13 -0.68 3.60
CA ALA B 263 6.25 -0.26 4.43
C ALA B 263 7.46 -1.17 4.22
N VAL B 264 7.24 -2.47 4.36
CA VAL B 264 8.31 -3.44 4.20
C VAL B 264 8.86 -3.40 2.77
N SER B 265 7.97 -3.30 1.79
CA SER B 265 8.38 -3.23 0.39
C SER B 265 9.25 -2.02 0.12
N ALA B 266 8.86 -0.89 0.71
CA ALA B 266 9.62 0.36 0.53
C ALA B 266 10.98 0.26 1.21
N LEU B 267 10.98 -0.24 2.44
CA LEU B 267 12.21 -0.36 3.20
C LEU B 267 13.19 -1.33 2.53
N VAL B 268 12.69 -2.48 2.12
CA VAL B 268 13.52 -3.50 1.47
C VAL B 268 13.96 -3.01 0.09
N GLY B 269 13.05 -2.40 -0.64
CA GLY B 269 13.37 -1.81 -1.93
C GLY B 269 14.48 -0.78 -1.80
N PHE B 270 14.38 0.07 -0.80
CA PHE B 270 15.41 1.08 -0.54
C PHE B 270 16.72 0.45 -0.11
N ALA B 271 16.64 -0.55 0.76
CA ALA B 271 17.84 -1.19 1.29
C ALA B 271 18.66 -1.89 0.19
N THR B 272 18.01 -2.25 -0.90
CA THR B 272 18.66 -2.98 -1.98
C THR B 272 18.89 -2.09 -3.20
N GLU B 273 19.09 -0.80 -2.97
CA GLU B 273 19.46 0.10 -4.05
C GLU B 273 20.89 -0.25 -4.47
N PRO B 274 21.22 -0.06 -5.77
CA PRO B 274 22.45 -0.59 -6.34
C PRO B 274 23.72 -0.21 -5.58
N GLN B 275 23.77 1.02 -5.05
CA GLN B 275 24.97 1.49 -4.36
C GLN B 275 25.14 0.85 -2.98
N PHE B 276 24.10 0.18 -2.49
CA PHE B 276 24.15 -0.48 -1.19
C PHE B 276 24.51 -1.96 -1.28
N LEU B 277 24.56 -2.49 -2.49
CA LEU B 277 24.56 -3.94 -2.69
C LEU B 277 25.91 -4.63 -2.47
N GLY B 278 26.98 -3.84 -2.42
CA GLY B 278 28.30 -4.41 -2.30
C GLY B 278 28.69 -5.13 -3.58
N ARG B 279 29.50 -6.18 -3.46
CA ARG B 279 30.03 -6.88 -4.63
C ARG B 279 29.99 -8.39 -4.47
N ALA B 280 29.63 -9.08 -5.55
CA ALA B 280 29.78 -10.52 -5.62
C ALA B 280 31.26 -10.85 -5.73
N ALA B 281 31.63 -12.09 -5.40
CA ALA B 281 33.02 -12.52 -5.52
C ALA B 281 33.44 -12.49 -6.99
N ALA B 282 34.72 -12.18 -7.23
CA ALA B 282 35.28 -12.26 -8.57
C ALA B 282 36.19 -13.47 -8.66
N VAL B 283 35.74 -14.48 -9.38
CA VAL B 283 36.42 -15.77 -9.44
C VAL B 283 36.75 -16.19 -10.86
N SER B 284 37.82 -16.96 -10.99
CA SER B 284 38.20 -17.55 -12.27
C SER B 284 37.12 -18.51 -12.77
N ALA B 285 37.32 -19.05 -13.96
CA ALA B 285 36.36 -19.98 -14.55
C ALA B 285 36.27 -21.28 -13.77
N GLU B 286 37.42 -21.76 -13.29
CA GLU B 286 37.46 -22.99 -12.50
C GLU B 286 36.64 -22.84 -11.22
N GLY B 287 36.76 -21.68 -10.56
CA GLY B 287 35.97 -21.41 -9.38
C GLY B 287 34.49 -21.49 -9.68
N LYS B 288 34.08 -20.82 -10.77
CA LYS B 288 32.70 -20.81 -11.18
C LYS B 288 32.22 -22.21 -11.50
N ALA B 289 33.08 -23.01 -12.13
CA ALA B 289 32.77 -24.41 -12.38
C ALA B 289 32.52 -25.16 -11.07
N VAL B 290 33.48 -25.05 -10.16
CA VAL B 290 33.38 -25.66 -8.83
C VAL B 290 32.07 -25.28 -8.15
N GLN B 291 31.67 -24.02 -8.27
CA GLN B 291 30.41 -23.57 -7.67
C GLN B 291 29.21 -24.16 -8.41
N THR B 292 29.28 -24.14 -9.74
CA THR B 292 28.21 -24.66 -10.58
C THR B 292 27.89 -26.11 -10.23
N ALA B 293 28.94 -26.91 -10.04
CA ALA B 293 28.77 -28.31 -9.66
C ALA B 293 27.90 -28.48 -8.40
N ILE B 294 28.37 -27.88 -7.31
CA ILE B 294 27.70 -27.98 -6.02
C ILE B 294 26.26 -27.45 -6.09
N LEU B 295 26.10 -26.28 -6.73
CA LEU B 295 24.76 -25.71 -6.89
C LEU B 295 23.88 -26.67 -7.69
N GLY B 296 24.46 -27.30 -8.70
CA GLY B 296 23.77 -28.30 -9.48
C GLY B 296 23.26 -29.46 -8.62
N GLY B 297 24.16 -30.05 -7.85
CA GLY B 297 23.79 -31.15 -6.97
C GLY B 297 22.68 -30.78 -5.99
N ALA B 298 22.88 -29.66 -5.30
CA ALA B 298 21.88 -29.19 -4.34
C ALA B 298 20.54 -28.96 -5.05
N MET B 299 20.61 -28.39 -6.25
CA MET B 299 19.40 -28.19 -7.03
C MET B 299 18.74 -29.52 -7.34
N SER B 300 19.55 -30.54 -7.66
CA SER B 300 19.05 -31.89 -7.87
C SER B 300 18.24 -32.34 -6.65
N VAL B 301 18.85 -32.21 -5.47
CA VAL B 301 18.16 -32.57 -4.23
C VAL B 301 16.83 -31.82 -4.09
N VAL B 302 16.87 -30.49 -4.18
CA VAL B 302 15.66 -29.68 -4.02
C VAL B 302 14.58 -30.09 -5.01
N SER B 303 14.94 -30.20 -6.29
CA SER B 303 13.99 -30.57 -7.33
C SER B 303 13.37 -31.93 -7.04
N ALA B 304 14.22 -32.88 -6.65
CA ALA B 304 13.76 -34.22 -6.28
C ALA B 304 12.74 -34.16 -5.14
N CYS B 305 13.08 -33.45 -4.07
CA CYS B 305 12.17 -33.32 -2.94
C CYS B 305 10.87 -32.60 -3.34
N VAL B 306 10.97 -31.65 -4.26
CA VAL B 306 9.79 -31.00 -4.82
C VAL B 306 8.88 -32.03 -5.48
N LEU B 307 9.47 -32.81 -6.38
CA LEU B 307 8.73 -33.86 -7.08
C LEU B 307 8.13 -34.84 -6.07
N LEU B 308 8.90 -35.18 -5.03
CA LEU B 308 8.39 -36.04 -3.97
C LEU B 308 7.17 -35.42 -3.31
N THR B 309 7.26 -34.13 -2.97
CA THR B 309 6.13 -33.41 -2.40
C THR B 309 4.91 -33.55 -3.28
N GLN B 310 5.10 -33.33 -4.58
CA GLN B 310 4.00 -33.47 -5.53
C GLN B 310 3.45 -34.90 -5.57
N CYS B 311 4.33 -35.90 -5.53
CA CYS B 311 3.89 -37.29 -5.48
C CYS B 311 3.11 -37.61 -4.21
N LEU B 312 3.54 -37.05 -3.09
CA LEU B 312 2.80 -37.17 -1.85
C LEU B 312 1.46 -36.50 -2.03
N ARG B 313 1.48 -35.34 -2.68
CA ARG B 313 0.27 -34.58 -2.93
C ARG B 313 -0.66 -35.35 -3.87
N ASP B 314 -0.07 -36.10 -4.79
CA ASP B 314 -0.83 -36.86 -5.79
C ASP B 314 -1.74 -37.91 -5.16
N LEU B 315 -1.24 -38.62 -4.17
CA LEU B 315 -1.93 -39.78 -3.61
C LEU B 315 -2.97 -39.42 -2.53
N ALA B 316 -3.12 -38.14 -2.23
CA ALA B 316 -4.02 -37.71 -1.16
C ALA B 316 -5.47 -37.51 -1.64
N GLN B 317 -5.85 -38.21 -2.69
CA GLN B 317 -7.23 -38.18 -3.18
C GLN B 317 -7.84 -39.57 -3.09
N HIS B 318 -7.26 -40.51 -3.84
CA HIS B 318 -7.73 -41.88 -3.87
C HIS B 318 -6.61 -42.83 -3.43
N PRO B 319 -6.29 -42.84 -2.12
CA PRO B 319 -5.22 -43.69 -1.61
C PRO B 319 -5.55 -45.17 -1.81
N ASP B 320 -6.76 -45.56 -1.42
CA ASP B 320 -7.24 -46.92 -1.59
C ASP B 320 -7.05 -47.43 -3.03
N GLY B 321 -7.34 -46.54 -3.97
CA GLY B 321 -7.22 -46.83 -5.39
C GLY B 321 -6.28 -45.86 -6.10
N GLY B 322 -4.97 -46.04 -5.87
CA GLY B 322 -3.97 -45.16 -6.44
C GLY B 322 -2.89 -45.99 -7.11
N ALA B 323 -3.01 -46.14 -8.44
CA ALA B 323 -2.10 -46.96 -9.21
C ALA B 323 -0.68 -46.40 -9.24
N LYS B 324 -0.52 -45.13 -8.89
CA LYS B 324 0.79 -44.49 -8.94
C LYS B 324 1.46 -44.37 -7.57
N MET B 325 1.75 -45.53 -7.01
CA MET B 325 2.58 -45.64 -5.82
C MET B 325 4.02 -45.63 -6.31
N SER B 326 4.18 -45.91 -7.60
CA SER B 326 5.49 -45.98 -8.23
C SER B 326 6.07 -44.59 -8.37
N ASP B 327 5.26 -43.63 -8.83
CA ASP B 327 5.68 -42.24 -8.90
C ASP B 327 6.19 -41.83 -7.53
N HIS B 328 5.45 -42.22 -6.50
CA HIS B 328 5.81 -41.94 -5.13
C HIS B 328 7.15 -42.59 -4.78
N ARG B 329 7.31 -43.88 -5.11
CA ARG B 329 8.55 -44.58 -4.82
C ARG B 329 9.76 -44.01 -5.58
N GLU B 330 9.52 -43.53 -6.80
CA GLU B 330 10.60 -43.02 -7.64
C GLU B 330 11.29 -41.78 -7.06
N ARG B 331 10.60 -41.05 -6.20
CA ARG B 331 11.14 -39.76 -5.72
C ARG B 331 12.07 -40.01 -4.55
N LEU B 332 11.85 -41.13 -3.86
CA LEU B 332 12.83 -41.67 -2.93
C LEU B 332 14.13 -41.81 -3.73
N ARG B 333 14.00 -42.45 -4.89
CA ARG B 333 15.12 -42.68 -5.79
C ARG B 333 15.80 -41.37 -6.18
N ASN B 334 15.01 -40.47 -6.75
CA ASN B 334 15.50 -39.18 -7.19
C ASN B 334 16.23 -38.44 -6.07
N SER B 335 15.59 -38.36 -4.90
CA SER B 335 16.20 -37.70 -3.75
C SER B 335 17.52 -38.35 -3.34
N ALA B 336 17.52 -39.68 -3.23
CA ALA B 336 18.74 -40.40 -2.84
C ALA B 336 19.89 -40.15 -3.83
N CYS B 337 19.60 -40.29 -5.12
CA CYS B 337 20.61 -40.08 -6.15
C CYS B 337 21.09 -38.62 -6.12
N ALA B 338 20.15 -37.71 -5.97
CA ALA B 338 20.48 -36.30 -5.87
C ALA B 338 21.43 -36.05 -4.70
N VAL B 339 21.12 -36.65 -3.55
CA VAL B 339 22.00 -36.57 -2.39
C VAL B 339 23.39 -37.11 -2.76
N SER B 340 23.42 -38.20 -3.52
CA SER B 340 24.69 -38.75 -3.96
C SER B 340 25.48 -37.76 -4.84
N GLU B 341 24.80 -37.15 -5.81
CA GLU B 341 25.43 -36.09 -6.61
C GLU B 341 25.99 -34.97 -5.73
N GLY B 342 25.14 -34.47 -4.86
CA GLY B 342 25.53 -33.46 -3.89
C GLY B 342 26.81 -33.83 -3.19
N CYS B 343 26.84 -35.02 -2.58
CA CYS B 343 28.03 -35.49 -1.89
C CYS B 343 29.22 -35.62 -2.83
N THR B 344 28.96 -36.09 -4.05
CA THR B 344 30.02 -36.28 -5.04
C THR B 344 30.73 -34.97 -5.35
N LEU B 345 29.94 -33.94 -5.63
CA LEU B 345 30.51 -32.66 -6.05
C LEU B 345 31.02 -31.83 -4.87
N LEU B 346 30.94 -32.38 -3.67
CA LEU B 346 31.46 -31.75 -2.47
C LEU B 346 32.86 -32.23 -2.11
N SER B 347 33.23 -33.42 -2.56
CA SER B 347 34.50 -34.01 -2.14
C SER B 347 35.70 -33.27 -2.75
N GLN B 348 35.56 -32.81 -3.99
CA GLN B 348 36.62 -32.01 -4.63
C GLN B 348 36.30 -30.53 -4.55
#